data_4GK3
#
_entry.id   4GK3
#
_cell.length_a   53.297
_cell.length_b   38.250
_cell.length_c   76.050
_cell.angle_alpha   90.00
_cell.angle_beta   101.72
_cell.angle_gamma   90.00
#
_symmetry.space_group_name_H-M   'P 1 21 1'
#
loop_
_entity.id
_entity.type
_entity.pdbx_description
1 polymer 'EPH receptor A3'
2 non-polymer 8-butyl-1-methyl-7-(2-methylphenyl)-1H-imidazo[2,1-f]purine-2,4(3H,8H)-dione
3 water water
#
_entity_poly.entity_id   1
_entity_poly.type   'polypeptide(L)'
_entity_poly.pdbx_seq_one_letter_code
;MGSSHHHHHHSSGLVPRGSTQTVHEFAKELDATNISIDKVVGAGEFGEVCSGRLKLPSKKEISVAIKTLKVGYTEKQRRD
FLGEASIMGQFDHPNIIRLEGVVTKSKPVMIVTEYMENGSLDSFLRKHDAQFTVIQLVGMLRGIASGMKYLSDMGYVHRD
LAARNILINSNLVCKVSDFGLSRVLEDDPEAAYTTRGGKIPIRWTSPEAIAYRKFTSASDVWSYGIVLWEVMSYGERPYW
EMSNQDVIKAVDEGYRLPPPMDCPAALYQLMLDCWQKDRNNRPKFEQIVSILDKLIRNPGSLKIITSAAARPSNLLLDQS
NVDITTFRTTGDWLNGVWTAHCKEIFTGVEYSSCDTIAKIS
;
_entity_poly.pdbx_strand_id   A
#
# COMPACT_ATOMS: atom_id res chain seq x y z
N VAL A 23 20.66 -6.16 9.13
CA VAL A 23 19.43 -5.49 9.54
C VAL A 23 19.74 -4.10 10.09
N HIS A 24 20.86 -4.00 10.80
CA HIS A 24 21.27 -2.73 11.39
C HIS A 24 21.91 -1.79 10.38
N GLU A 25 22.04 -2.26 9.15
CA GLU A 25 22.55 -1.40 8.08
C GLU A 25 21.58 -0.26 7.81
N PHE A 26 20.29 -0.58 7.80
CA PHE A 26 19.25 0.41 7.48
C PHE A 26 18.23 0.64 8.60
N ALA A 27 18.45 0.02 9.75
CA ALA A 27 17.51 0.12 10.87
C ALA A 27 18.25 0.34 12.16
N LYS A 28 18.01 1.48 12.81
CA LYS A 28 18.70 1.72 14.07
C LYS A 28 18.12 0.81 15.14
N GLU A 29 18.99 0.34 16.01
CA GLU A 29 18.55 -0.40 17.18
C GLU A 29 18.00 0.59 18.20
N LEU A 30 16.80 0.34 18.71
CA LEU A 30 16.20 1.20 19.72
C LEU A 30 16.35 0.59 21.11
N ASP A 31 16.41 1.45 22.12
CA ASP A 31 16.43 1.01 23.52
C ASP A 31 15.01 0.78 24.02
N ALA A 32 14.74 -0.42 24.56
CA ALA A 32 13.38 -0.78 24.98
C ALA A 32 12.83 0.08 26.11
N THR A 33 13.73 0.70 26.88
CA THR A 33 13.31 1.61 27.93
C THR A 33 12.68 2.88 27.36
N ASN A 34 12.86 3.13 26.06
CA ASN A 34 12.25 4.28 25.41
C ASN A 34 10.91 3.97 24.73
N ILE A 35 10.48 2.72 24.83
CA ILE A 35 9.24 2.30 24.20
C ILE A 35 8.19 1.96 25.25
N SER A 36 7.02 2.54 25.13
CA SER A 36 5.89 2.13 25.96
C SER A 36 4.80 1.58 25.07
N ILE A 37 4.25 0.43 25.47
CA ILE A 37 3.17 -0.21 24.73
C ILE A 37 1.85 0.24 25.34
N ASP A 38 0.91 0.66 24.48
CA ASP A 38 -0.37 1.12 24.95
C ASP A 38 -1.47 0.07 24.73
N LYS A 39 -1.68 -0.35 23.48
CA LYS A 39 -2.73 -1.32 23.16
C LYS A 39 -2.41 -2.17 21.93
N VAL A 40 -3.16 -3.26 21.77
CA VAL A 40 -3.04 -4.12 20.60
C VAL A 40 -4.05 -3.69 19.54
N VAL A 41 -3.56 -3.32 18.36
CA VAL A 41 -4.45 -2.78 17.32
C VAL A 41 -4.50 -3.64 16.06
N GLY A 42 -3.86 -4.81 16.08
CA GLY A 42 -3.82 -5.65 14.91
C GLY A 42 -3.17 -7.00 15.15
N ALA A 43 -3.34 -7.90 14.18
CA ALA A 43 -2.68 -9.20 14.24
C ALA A 43 -1.83 -9.35 13.00
N GLY A 44 -0.57 -9.70 13.19
CA GLY A 44 0.35 -9.84 12.08
C GLY A 44 0.66 -11.30 11.79
N GLU A 45 1.39 -11.53 10.71
CA GLU A 45 1.80 -12.87 10.34
C GLU A 45 2.75 -13.44 11.41
N PHE A 46 3.53 -12.55 12.02
CA PHE A 46 4.62 -12.98 12.88
C PHE A 46 4.38 -12.69 14.35
N GLY A 47 3.24 -12.08 14.67
CA GLY A 47 2.94 -11.67 16.04
C GLY A 47 1.98 -10.50 16.03
N GLU A 48 1.70 -9.94 17.21
CA GLU A 48 0.74 -8.85 17.32
C GLU A 48 1.24 -7.53 16.73
N VAL A 49 0.30 -6.63 16.46
CA VAL A 49 0.64 -5.25 16.14
C VAL A 49 0.04 -4.39 17.23
N CYS A 50 0.86 -3.53 17.84
CA CYS A 50 0.43 -2.69 18.95
C CYS A 50 0.61 -1.21 18.66
N SER A 51 -0.02 -0.37 19.47
CA SER A 51 0.25 1.06 19.42
C SER A 51 0.98 1.45 20.70
N GLY A 52 1.71 2.55 20.65
CA GLY A 52 2.46 2.98 21.81
C GLY A 52 3.17 4.29 21.59
N ARG A 53 4.28 4.47 22.29
CA ARG A 53 4.99 5.72 22.26
C ARG A 53 6.48 5.43 22.26
N LEU A 54 7.23 6.29 21.61
CA LEU A 54 8.69 6.19 21.55
C LEU A 54 9.27 7.53 21.98
N LYS A 55 10.21 7.49 22.92
CA LYS A 55 10.96 8.68 23.29
C LYS A 55 12.23 8.69 22.44
N LEU A 56 12.40 9.75 21.66
CA LEU A 56 13.56 9.91 20.78
C LEU A 56 14.76 10.44 21.60
N PRO A 57 15.98 10.30 21.06
CA PRO A 57 17.17 10.78 21.79
C PRO A 57 17.08 12.26 22.17
N SER A 58 16.37 13.04 21.36
CA SER A 58 16.12 14.46 21.62
C SER A 58 15.09 14.71 22.74
N LYS A 59 14.56 13.64 23.31
CA LYS A 59 13.50 13.70 24.35
C LYS A 59 12.08 13.88 23.82
N LYS A 60 11.93 14.19 22.53
CA LYS A 60 10.61 14.28 21.93
C LYS A 60 9.92 12.92 21.99
N GLU A 61 8.62 12.91 22.30
CA GLU A 61 7.85 11.68 22.38
C GLU A 61 6.87 11.63 21.20
N ILE A 62 6.88 10.53 20.47
CA ILE A 62 5.97 10.35 19.33
C ILE A 62 5.13 9.09 19.49
N SER A 63 3.95 9.08 18.88
CA SER A 63 3.13 7.87 18.83
C SER A 63 3.74 6.95 17.77
N VAL A 64 3.77 5.65 18.06
CA VAL A 64 4.32 4.68 17.12
C VAL A 64 3.41 3.45 17.04
N ALA A 65 3.57 2.71 15.95
CA ALA A 65 3.02 1.38 15.80
C ALA A 65 4.16 0.41 16.08
N ILE A 66 3.86 -0.69 16.75
CA ILE A 66 4.89 -1.65 17.13
C ILE A 66 4.46 -3.06 16.72
N LYS A 67 5.24 -3.71 15.87
CA LYS A 67 5.01 -5.12 15.59
C LYS A 67 5.92 -5.94 16.48
N THR A 68 5.36 -6.95 17.11
CA THR A 68 6.14 -7.84 17.96
C THR A 68 6.27 -9.24 17.35
N LEU A 69 7.43 -9.85 17.54
CA LEU A 69 7.66 -11.21 17.09
C LEU A 69 7.15 -12.17 18.17
N LYS A 70 6.25 -13.07 17.78
CA LYS A 70 5.65 -14.00 18.74
C LYS A 70 6.70 -14.77 19.56
N VAL A 71 6.39 -15.00 20.83
CA VAL A 71 7.23 -15.82 21.68
C VAL A 71 7.39 -17.20 21.05
N GLY A 72 8.59 -17.76 21.14
CA GLY A 72 8.83 -19.10 20.62
C GLY A 72 9.11 -19.16 19.13
N TYR A 73 9.44 -18.01 18.55
CA TYR A 73 9.72 -17.93 17.13
C TYR A 73 10.90 -18.81 16.72
N THR A 74 10.86 -19.30 15.49
CA THR A 74 12.01 -19.99 14.91
C THR A 74 12.99 -18.95 14.39
N GLU A 75 14.24 -19.37 14.16
CA GLU A 75 15.24 -18.45 13.63
C GLU A 75 14.86 -17.96 12.24
N LYS A 76 14.11 -18.80 11.51
CA LYS A 76 13.65 -18.42 10.19
C LYS A 76 12.59 -17.33 10.28
N GLN A 77 11.63 -17.49 11.18
CA GLN A 77 10.61 -16.48 11.39
C GLN A 77 11.24 -15.13 11.75
N ARG A 78 12.27 -15.17 12.59
CA ARG A 78 13.00 -13.98 12.98
C ARG A 78 13.63 -13.29 11.78
N ARG A 79 14.24 -14.07 10.91
CA ARG A 79 14.87 -13.52 9.71
C ARG A 79 13.85 -12.92 8.74
N ASP A 80 12.69 -13.57 8.60
CA ASP A 80 11.65 -13.05 7.72
C ASP A 80 11.02 -11.79 8.33
N PHE A 81 10.83 -11.81 9.64
CA PHE A 81 10.23 -10.70 10.35
C PHE A 81 11.09 -9.44 10.19
N LEU A 82 12.36 -9.55 10.56
CA LEU A 82 13.29 -8.45 10.49
C LEU A 82 13.62 -8.05 9.05
N GLY A 83 13.52 -9.00 8.14
CA GLY A 83 13.77 -8.75 6.74
C GLY A 83 12.92 -7.60 6.20
N GLU A 84 11.67 -7.55 6.63
CA GLU A 84 10.82 -6.42 6.24
C GLU A 84 11.39 -5.08 6.69
N ALA A 85 11.95 -5.04 7.90
CA ALA A 85 12.53 -3.79 8.40
C ALA A 85 13.73 -3.37 7.59
N SER A 86 14.55 -4.33 7.17
CA SER A 86 15.70 -4.00 6.33
C SER A 86 15.25 -3.28 5.06
N ILE A 87 14.14 -3.71 4.50
CA ILE A 87 13.63 -3.08 3.27
C ILE A 87 13.04 -1.71 3.56
N MET A 88 12.11 -1.68 4.51
CA MET A 88 11.42 -0.45 4.86
C MET A 88 12.45 0.63 5.20
N GLY A 89 13.54 0.20 5.83
CA GLY A 89 14.53 1.14 6.33
C GLY A 89 15.31 1.86 5.25
N GLN A 90 15.25 1.37 4.02
CA GLN A 90 15.97 1.99 2.91
C GLN A 90 15.22 3.16 2.31
N PHE A 91 13.98 3.34 2.74
CA PHE A 91 13.12 4.37 2.18
C PHE A 91 12.87 5.50 3.19
N ASP A 92 13.10 6.73 2.76
CA ASP A 92 12.75 7.91 3.52
C ASP A 92 11.91 8.82 2.62
N HIS A 93 10.58 8.73 2.75
CA HIS A 93 9.66 9.44 1.86
C HIS A 93 8.33 9.69 2.60
N PRO A 94 7.71 10.84 2.35
CA PRO A 94 6.46 11.20 3.07
C PRO A 94 5.33 10.19 2.84
N ASN A 95 5.41 9.42 1.75
CA ASN A 95 4.35 8.46 1.47
C ASN A 95 4.74 6.99 1.58
N ILE A 96 5.84 6.73 2.27
CA ILE A 96 6.21 5.37 2.66
C ILE A 96 6.33 5.35 4.18
N ILE A 97 5.80 4.31 4.80
CA ILE A 97 5.73 4.27 6.26
C ILE A 97 7.15 4.42 6.80
N ARG A 98 7.32 5.30 7.78
CA ARG A 98 8.63 5.54 8.38
C ARG A 98 8.99 4.48 9.41
N LEU A 99 10.16 3.87 9.22
CA LEU A 99 10.75 2.96 10.21
C LEU A 99 11.46 3.79 11.29
N GLU A 100 10.96 3.71 12.51
CA GLU A 100 11.65 4.36 13.63
C GLU A 100 12.83 3.48 14.07
N GLY A 101 12.65 2.17 13.98
CA GLY A 101 13.76 1.27 14.26
C GLY A 101 13.32 -0.10 14.71
N VAL A 102 14.27 -0.87 15.24
CA VAL A 102 14.00 -2.22 15.68
C VAL A 102 14.54 -2.47 17.09
N VAL A 103 13.98 -3.47 17.75
CA VAL A 103 14.52 -3.94 19.01
C VAL A 103 14.87 -5.39 18.83
N THR A 104 16.17 -5.69 18.88
CA THR A 104 16.63 -7.07 18.70
C THR A 104 17.41 -7.60 19.90
N LYS A 105 18.06 -6.70 20.63
CA LYS A 105 18.91 -7.09 21.77
C LYS A 105 18.13 -7.48 23.02
N SER A 106 16.84 -7.18 23.04
CA SER A 106 15.96 -7.69 24.09
C SER A 106 14.71 -8.32 23.49
N LYS A 107 13.87 -8.89 24.33
CA LYS A 107 12.68 -9.58 23.85
C LYS A 107 11.44 -9.01 24.51
N PRO A 108 10.30 -9.06 23.82
CA PRO A 108 10.19 -9.56 22.44
C PRO A 108 10.88 -8.66 21.41
N VAL A 109 11.25 -9.26 20.29
CA VAL A 109 11.81 -8.54 19.16
C VAL A 109 10.72 -7.67 18.53
N MET A 110 11.08 -6.44 18.15
CA MET A 110 10.07 -5.50 17.68
C MET A 110 10.50 -4.71 16.45
N ILE A 111 9.51 -4.31 15.68
CA ILE A 111 9.69 -3.33 14.61
C ILE A 111 8.80 -2.13 14.93
N VAL A 112 9.38 -0.94 14.96
CA VAL A 112 8.68 0.26 15.40
C VAL A 112 8.56 1.24 14.22
N THR A 113 7.34 1.63 13.89
CA THR A 113 7.11 2.56 12.80
C THR A 113 6.30 3.76 13.28
N GLU A 114 6.15 4.75 12.41
CA GLU A 114 5.27 5.88 12.73
C GLU A 114 3.84 5.37 12.89
N TYR A 115 3.06 6.05 13.72
CA TYR A 115 1.70 5.66 13.97
C TYR A 115 0.76 6.27 12.91
N MET A 116 -0.20 5.48 12.43
CA MET A 116 -1.16 5.92 11.43
C MET A 116 -2.56 5.80 12.03
N GLU A 117 -3.15 6.94 12.38
CA GLU A 117 -4.35 6.94 13.21
C GLU A 117 -5.56 6.23 12.57
N ASN A 118 -5.69 6.32 11.26
CA ASN A 118 -6.90 5.80 10.61
C ASN A 118 -6.79 4.40 10.00
N GLY A 119 -5.70 3.70 10.30
CA GLY A 119 -5.57 2.30 9.96
C GLY A 119 -5.37 2.01 8.48
N SER A 120 -5.72 0.79 8.08
N SER A 120 -5.72 0.80 8.07
CA SER A 120 -5.61 0.40 6.68
CA SER A 120 -5.59 0.44 6.67
C SER A 120 -6.63 1.16 5.84
C SER A 120 -6.61 1.20 5.86
N LEU A 121 -6.23 1.53 4.62
CA LEU A 121 -7.07 2.34 3.76
C LEU A 121 -8.38 1.66 3.37
N ASP A 122 -8.35 0.36 3.10
CA ASP A 122 -9.56 -0.31 2.65
C ASP A 122 -10.59 -0.36 3.77
N SER A 123 -10.16 -0.70 4.97
CA SER A 123 -11.09 -0.76 6.08
C SER A 123 -11.58 0.65 6.43
N PHE A 124 -10.69 1.64 6.35
CA PHE A 124 -11.11 3.02 6.57
C PHE A 124 -12.18 3.49 5.60
N LEU A 125 -11.98 3.26 4.31
CA LEU A 125 -12.95 3.74 3.32
C LEU A 125 -14.31 3.01 3.43
N ARG A 126 -14.28 1.74 3.85
CA ARG A 126 -15.50 0.97 4.03
C ARG A 126 -16.41 1.61 5.08
N LYS A 127 -15.81 2.31 6.03
CA LYS A 127 -16.57 2.92 7.10
C LYS A 127 -17.19 4.24 6.65
N HIS A 128 -16.77 4.72 5.50
CA HIS A 128 -17.17 6.07 5.09
C HIS A 128 -17.67 6.11 3.66
N ASP A 129 -18.40 5.08 3.26
CA ASP A 129 -18.90 4.96 1.90
C ASP A 129 -19.56 6.26 1.42
N ALA A 130 -19.02 6.80 0.32
CA ALA A 130 -19.53 8.00 -0.35
C ALA A 130 -19.47 9.27 0.52
N GLN A 131 -18.58 9.31 1.51
CA GLN A 131 -18.57 10.43 2.45
C GLN A 131 -17.46 11.44 2.18
N PHE A 132 -16.55 11.12 1.26
CA PHE A 132 -15.47 12.03 0.89
C PHE A 132 -15.71 12.70 -0.46
N THR A 133 -15.06 13.85 -0.68
CA THR A 133 -15.13 14.52 -1.97
C THR A 133 -14.18 13.81 -2.93
N VAL A 134 -14.40 14.02 -4.22
CA VAL A 134 -13.48 13.46 -5.21
C VAL A 134 -12.07 14.00 -5.00
N ILE A 135 -11.96 15.28 -4.68
CA ILE A 135 -10.64 15.89 -4.45
C ILE A 135 -9.90 15.24 -3.26
N GLN A 136 -10.63 14.90 -2.21
CA GLN A 136 -10.03 14.19 -1.07
C GLN A 136 -9.50 12.82 -1.51
N LEU A 137 -10.32 12.08 -2.24
CA LEU A 137 -9.91 10.75 -2.70
C LEU A 137 -8.68 10.87 -3.60
N VAL A 138 -8.67 11.88 -4.47
CA VAL A 138 -7.53 12.11 -5.37
C VAL A 138 -6.25 12.43 -4.59
N GLY A 139 -6.39 13.20 -3.51
CA GLY A 139 -5.26 13.47 -2.65
C GLY A 139 -4.64 12.19 -2.09
N MET A 140 -5.50 11.28 -1.65
CA MET A 140 -5.06 9.98 -1.15
C MET A 140 -4.30 9.22 -2.23
N LEU A 141 -4.86 9.22 -3.44
CA LEU A 141 -4.31 8.45 -4.55
C LEU A 141 -2.96 9.03 -5.00
N ARG A 142 -2.82 10.34 -4.93
CA ARG A 142 -1.60 11.04 -5.32
C ARG A 142 -0.48 10.66 -4.35
N GLY A 143 -0.80 10.60 -3.06
CA GLY A 143 0.18 10.19 -2.08
C GLY A 143 0.69 8.80 -2.38
N ILE A 144 -0.25 7.86 -2.53
CA ILE A 144 0.13 6.48 -2.85
C ILE A 144 1.03 6.45 -4.08
N ALA A 145 0.64 7.17 -5.13
CA ALA A 145 1.42 7.17 -6.38
C ALA A 145 2.81 7.76 -6.18
N SER A 146 2.91 8.78 -5.34
CA SER A 146 4.20 9.40 -5.09
C SER A 146 5.12 8.44 -4.31
N GLY A 147 4.55 7.73 -3.34
CA GLY A 147 5.30 6.71 -2.63
C GLY A 147 5.84 5.65 -3.58
N MET A 148 4.98 5.18 -4.48
CA MET A 148 5.35 4.12 -5.43
C MET A 148 6.39 4.61 -6.42
N LYS A 149 6.30 5.90 -6.79
CA LYS A 149 7.30 6.49 -7.66
C LYS A 149 8.68 6.35 -6.99
N TYR A 150 8.73 6.65 -5.69
CA TYR A 150 10.03 6.59 -4.98
C TYR A 150 10.51 5.14 -4.88
N LEU A 151 9.60 4.24 -4.55
CA LEU A 151 9.91 2.83 -4.40
CA LEU A 151 9.89 2.83 -4.40
C LEU A 151 10.47 2.25 -5.69
N SER A 152 9.85 2.60 -6.82
CA SER A 152 10.30 2.12 -8.11
C SER A 152 11.62 2.79 -8.51
N ASP A 153 11.75 4.08 -8.18
CA ASP A 153 13.01 4.81 -8.38
C ASP A 153 14.17 4.11 -7.69
N MET A 154 13.89 3.47 -6.57
CA MET A 154 14.93 2.83 -5.75
C MET A 154 15.20 1.40 -6.20
N GLY A 155 14.49 0.94 -7.23
CA GLY A 155 14.73 -0.41 -7.74
C GLY A 155 13.98 -1.53 -7.06
N TYR A 156 12.92 -1.21 -6.33
CA TYR A 156 12.13 -2.24 -5.67
C TYR A 156 10.81 -2.47 -6.42
N VAL A 157 10.39 -3.73 -6.47
CA VAL A 157 9.03 -4.05 -6.91
C VAL A 157 8.30 -4.55 -5.67
N HIS A 158 7.15 -3.95 -5.40
CA HIS A 158 6.41 -4.22 -4.17
C HIS A 158 5.74 -5.58 -4.24
N ARG A 159 5.02 -5.84 -5.33
CA ARG A 159 4.32 -7.11 -5.59
C ARG A 159 3.04 -7.36 -4.77
N ASP A 160 2.76 -6.49 -3.80
CA ASP A 160 1.57 -6.68 -2.95
C ASP A 160 0.88 -5.34 -2.75
N LEU A 161 0.85 -4.53 -3.80
CA LEU A 161 0.26 -3.20 -3.68
C LEU A 161 -1.25 -3.32 -3.71
N ALA A 162 -1.88 -3.02 -2.57
CA ALA A 162 -3.30 -3.23 -2.37
C ALA A 162 -3.74 -2.26 -1.29
N ALA A 163 -5.01 -1.88 -1.30
CA ALA A 163 -5.52 -0.91 -0.33
C ALA A 163 -5.27 -1.37 1.11
N ARG A 164 -5.31 -2.68 1.36
CA ARG A 164 -5.09 -3.19 2.71
C ARG A 164 -3.65 -2.96 3.19
N ASN A 165 -2.74 -2.70 2.27
CA ASN A 165 -1.33 -2.49 2.59
C ASN A 165 -0.94 -1.03 2.58
N ILE A 166 -1.94 -0.16 2.46
CA ILE A 166 -1.75 1.27 2.56
C ILE A 166 -2.35 1.71 3.89
N LEU A 167 -1.63 2.54 4.64
CA LEU A 167 -2.16 3.04 5.91
C LEU A 167 -2.49 4.50 5.74
N ILE A 168 -3.39 5.02 6.56
CA ILE A 168 -3.81 6.40 6.40
C ILE A 168 -3.85 7.12 7.76
N ASN A 169 -3.31 8.32 7.81
CA ASN A 169 -3.15 9.00 9.11
C ASN A 169 -4.30 9.97 9.43
N SER A 170 -4.16 10.74 10.51
CA SER A 170 -5.28 11.57 10.95
C SER A 170 -5.57 12.66 9.95
N ASN A 171 -4.59 12.99 9.11
CA ASN A 171 -4.78 14.06 8.12
C ASN A 171 -5.11 13.52 6.73
N LEU A 172 -5.39 12.22 6.68
CA LEU A 172 -5.75 11.52 5.44
C LEU A 172 -4.57 11.26 4.50
N VAL A 173 -3.36 11.48 4.99
CA VAL A 173 -2.17 11.18 4.20
C VAL A 173 -2.00 9.67 4.12
N CYS A 174 -1.84 9.14 2.91
CA CYS A 174 -1.68 7.70 2.68
C CYS A 174 -0.24 7.29 2.44
N LYS A 175 0.16 6.14 2.98
CA LYS A 175 1.55 5.72 2.91
C LYS A 175 1.64 4.24 2.66
N VAL A 176 2.53 3.87 1.76
CA VAL A 176 2.74 2.47 1.45
C VAL A 176 3.38 1.76 2.64
N SER A 177 2.76 0.67 3.05
CA SER A 177 3.34 -0.18 4.09
CA SER A 177 3.27 -0.17 4.12
C SER A 177 3.38 -1.63 3.64
N ASP A 178 3.63 -2.51 4.58
CA ASP A 178 3.78 -3.93 4.32
C ASP A 178 4.73 -4.21 3.17
N PHE A 179 5.96 -4.52 3.50
CA PHE A 179 6.95 -4.82 2.47
C PHE A 179 7.31 -6.31 2.48
N GLY A 180 6.40 -7.12 2.99
CA GLY A 180 6.64 -8.55 3.16
C GLY A 180 6.96 -9.29 1.88
N LEU A 181 6.33 -8.88 0.77
CA LEU A 181 6.54 -9.54 -0.52
C LEU A 181 7.55 -8.85 -1.44
N SER A 182 8.02 -7.68 -1.04
CA SER A 182 8.83 -6.84 -1.93
C SER A 182 10.26 -7.38 -2.12
N ARG A 183 10.82 -7.12 -3.30
CA ARG A 183 12.20 -7.50 -3.58
C ARG A 183 12.88 -6.51 -4.51
N VAL A 184 14.21 -6.48 -4.47
CA VAL A 184 14.98 -5.71 -5.44
C VAL A 184 14.75 -6.30 -6.84
N LEU A 185 14.67 -5.41 -7.83
CA LEU A 185 14.54 -5.82 -9.22
C LEU A 185 15.85 -6.44 -9.71
N ILE A 200 0.97 -15.09 -3.70
CA ILE A 200 0.76 -13.78 -4.31
C ILE A 200 -0.73 -13.46 -4.42
N PRO A 201 -1.10 -12.19 -4.20
CA PRO A 201 -2.51 -11.81 -4.22
C PRO A 201 -3.03 -11.69 -5.65
N ILE A 202 -3.72 -12.72 -6.13
CA ILE A 202 -4.16 -12.81 -7.52
C ILE A 202 -4.89 -11.56 -8.02
N ARG A 203 -5.85 -11.08 -7.23
CA ARG A 203 -6.70 -9.95 -7.63
C ARG A 203 -5.94 -8.66 -7.93
N TRP A 204 -4.75 -8.51 -7.36
CA TRP A 204 -3.98 -7.27 -7.48
C TRP A 204 -2.81 -7.42 -8.46
N THR A 205 -2.64 -8.63 -8.96
CA THR A 205 -1.46 -8.98 -9.75
C THR A 205 -1.67 -8.87 -11.27
N SER A 206 -0.66 -8.37 -11.97
CA SER A 206 -0.79 -8.18 -13.40
C SER A 206 -0.86 -9.54 -14.10
N PRO A 207 -1.46 -9.58 -15.29
CA PRO A 207 -1.63 -10.86 -16.01
C PRO A 207 -0.30 -11.53 -16.30
N GLU A 208 0.72 -10.75 -16.69
CA GLU A 208 2.01 -11.35 -16.99
C GLU A 208 2.71 -11.89 -15.75
N ALA A 209 2.50 -11.24 -14.59
CA ALA A 209 3.09 -11.71 -13.35
C ALA A 209 2.40 -12.99 -12.90
N ILE A 210 1.10 -13.04 -13.08
CA ILE A 210 0.39 -14.30 -12.83
C ILE A 210 0.84 -15.41 -13.80
N ALA A 211 0.99 -15.07 -15.07
CA ALA A 211 1.25 -16.08 -16.12
C ALA A 211 2.62 -16.72 -16.02
N TYR A 212 3.65 -15.91 -15.75
CA TYR A 212 5.01 -16.43 -15.65
C TYR A 212 5.93 -15.63 -14.72
N ARG A 213 5.37 -15.10 -13.64
CA ARG A 213 6.17 -14.39 -12.63
C ARG A 213 6.98 -13.23 -13.17
N LYS A 214 6.46 -12.54 -14.18
CA LYS A 214 7.15 -11.37 -14.71
C LYS A 214 6.78 -10.15 -13.87
N PHE A 215 7.55 -9.89 -12.82
CA PHE A 215 7.28 -8.76 -11.93
C PHE A 215 8.22 -7.62 -12.27
N THR A 216 7.66 -6.46 -12.57
CA THR A 216 8.42 -5.27 -12.92
C THR A 216 7.72 -4.10 -12.27
N SER A 217 8.29 -2.90 -12.39
CA SER A 217 7.55 -1.73 -11.90
C SER A 217 6.21 -1.56 -12.66
N ALA A 218 6.16 -2.00 -13.91
CA ALA A 218 4.90 -1.99 -14.66
C ALA A 218 3.82 -2.94 -14.08
N SER A 219 4.24 -4.02 -13.42
CA SER A 219 3.28 -4.88 -12.75
C SER A 219 2.76 -4.20 -11.47
N ASP A 220 3.60 -3.40 -10.81
CA ASP A 220 3.13 -2.59 -9.68
C ASP A 220 2.13 -1.52 -10.15
N VAL A 221 2.33 -0.96 -11.35
CA VAL A 221 1.39 0.00 -11.90
C VAL A 221 0.02 -0.65 -12.13
N TRP A 222 0.01 -1.88 -12.62
CA TRP A 222 -1.24 -2.63 -12.70
C TRP A 222 -1.92 -2.65 -11.34
N SER A 223 -1.15 -3.02 -10.32
CA SER A 223 -1.69 -3.13 -8.97
C SER A 223 -2.23 -1.77 -8.54
N TYR A 224 -1.51 -0.71 -8.88
CA TYR A 224 -1.95 0.62 -8.50
C TYR A 224 -3.31 0.91 -9.12
N GLY A 225 -3.51 0.46 -10.35
CA GLY A 225 -4.81 0.58 -11.01
C GLY A 225 -5.89 -0.10 -10.19
N ILE A 226 -5.59 -1.26 -9.63
CA ILE A 226 -6.57 -1.91 -8.77
C ILE A 226 -6.84 -1.08 -7.50
N VAL A 227 -5.78 -0.56 -6.90
CA VAL A 227 -5.94 0.28 -5.71
C VAL A 227 -6.81 1.49 -6.03
N LEU A 228 -6.58 2.08 -7.19
CA LEU A 228 -7.38 3.22 -7.63
C LEU A 228 -8.87 2.82 -7.65
N TRP A 229 -9.14 1.66 -8.22
CA TRP A 229 -10.50 1.13 -8.21
C TRP A 229 -11.05 0.92 -6.78
N GLU A 230 -10.22 0.39 -5.89
CA GLU A 230 -10.63 0.15 -4.50
C GLU A 230 -11.00 1.46 -3.85
N VAL A 231 -10.17 2.48 -4.06
CA VAL A 231 -10.42 3.78 -3.44
C VAL A 231 -11.72 4.39 -3.94
N MET A 232 -11.87 4.44 -5.26
CA MET A 232 -13.07 5.03 -5.84
C MET A 232 -14.34 4.20 -5.52
N SER A 233 -14.12 2.95 -5.12
CA SER A 233 -15.21 2.05 -4.75
C SER A 233 -15.43 1.97 -3.24
N TYR A 234 -14.74 2.83 -2.50
CA TYR A 234 -14.76 2.83 -1.04
C TYR A 234 -14.52 1.46 -0.42
N GLY A 235 -13.49 0.76 -0.89
CA GLY A 235 -13.08 -0.49 -0.26
C GLY A 235 -13.84 -1.73 -0.70
N GLU A 236 -14.51 -1.67 -1.84
CA GLU A 236 -15.08 -2.88 -2.46
C GLU A 236 -13.94 -3.84 -2.80
N ARG A 237 -14.20 -5.13 -2.71
CA ARG A 237 -13.18 -6.11 -3.06
C ARG A 237 -13.08 -6.22 -4.58
N PRO A 238 -11.86 -6.06 -5.11
CA PRO A 238 -11.62 -6.25 -6.55
C PRO A 238 -12.15 -7.62 -6.99
N TYR A 239 -12.98 -7.63 -8.02
CA TYR A 239 -13.54 -8.87 -8.56
C TYR A 239 -14.45 -9.58 -7.55
N TRP A 240 -14.85 -8.88 -6.49
CA TRP A 240 -15.78 -9.42 -5.50
C TRP A 240 -15.32 -10.81 -5.07
N GLU A 241 -16.20 -11.81 -5.11
CA GLU A 241 -15.82 -13.16 -4.69
CA GLU A 241 -15.85 -13.17 -4.69
C GLU A 241 -15.67 -14.13 -5.87
N MET A 242 -15.36 -13.60 -7.05
CA MET A 242 -15.11 -14.45 -8.21
C MET A 242 -14.04 -15.50 -7.89
N SER A 243 -14.20 -16.72 -8.40
CA SER A 243 -13.16 -17.72 -8.19
C SER A 243 -11.86 -17.19 -8.81
N ASN A 244 -10.74 -17.58 -8.22
CA ASN A 244 -9.43 -17.12 -8.71
C ASN A 244 -9.20 -17.48 -10.17
N GLN A 245 -9.58 -18.68 -10.56
CA GLN A 245 -9.37 -19.11 -11.94
C GLN A 245 -10.16 -18.23 -12.90
N ASP A 246 -11.31 -17.74 -12.47
CA ASP A 246 -12.11 -16.86 -13.33
C ASP A 246 -11.57 -15.41 -13.38
N VAL A 247 -11.01 -14.94 -12.27
CA VAL A 247 -10.34 -13.64 -12.29
C VAL A 247 -9.20 -13.70 -13.29
N ILE A 248 -8.43 -14.78 -13.21
CA ILE A 248 -7.31 -14.97 -14.13
C ILE A 248 -7.75 -15.06 -15.58
N LYS A 249 -8.76 -15.87 -15.85
CA LYS A 249 -9.18 -16.08 -17.24
C LYS A 249 -9.85 -14.83 -17.81
N ALA A 250 -10.70 -14.19 -17.01
CA ALA A 250 -11.44 -13.02 -17.46
C ALA A 250 -10.52 -11.86 -17.80
N VAL A 251 -9.56 -11.58 -16.94
CA VAL A 251 -8.64 -10.49 -17.18
C VAL A 251 -7.80 -10.79 -18.42
N ASP A 252 -7.39 -12.04 -18.57
CA ASP A 252 -6.61 -12.44 -19.73
C ASP A 252 -7.41 -12.25 -21.00
N GLU A 253 -8.73 -12.47 -20.93
CA GLU A 253 -9.59 -12.30 -22.09
C GLU A 253 -9.87 -10.84 -22.44
N GLY A 254 -9.46 -9.91 -21.58
CA GLY A 254 -9.65 -8.50 -21.87
C GLY A 254 -10.69 -7.81 -20.98
N TYR A 255 -11.37 -8.58 -20.14
CA TYR A 255 -12.35 -8.01 -19.22
C TYR A 255 -11.68 -7.17 -18.13
N ARG A 256 -12.38 -6.12 -17.70
CA ARG A 256 -11.84 -5.25 -16.66
C ARG A 256 -12.94 -4.87 -15.66
N LEU A 257 -12.51 -4.52 -14.46
CA LEU A 257 -13.44 -4.02 -13.44
C LEU A 257 -14.22 -2.84 -14.01
N PRO A 258 -15.52 -2.77 -13.68
CA PRO A 258 -16.33 -1.68 -14.22
C PRO A 258 -16.13 -0.38 -13.45
N PRO A 259 -16.60 0.74 -13.98
CA PRO A 259 -16.45 2.01 -13.27
C PRO A 259 -17.20 1.99 -11.94
N PRO A 260 -16.53 2.41 -10.86
CA PRO A 260 -17.25 2.50 -9.58
C PRO A 260 -18.37 3.52 -9.68
N MET A 261 -19.35 3.44 -8.79
CA MET A 261 -20.45 4.40 -8.83
C MET A 261 -19.94 5.85 -8.78
N ASP A 262 -20.43 6.67 -9.70
CA ASP A 262 -20.11 8.10 -9.72
C ASP A 262 -18.62 8.39 -9.97
N CYS A 263 -17.92 7.47 -10.62
CA CYS A 263 -16.49 7.65 -10.86
C CYS A 263 -16.22 8.63 -11.98
N PRO A 264 -15.41 9.67 -11.71
CA PRO A 264 -14.99 10.56 -12.78
C PRO A 264 -14.39 9.81 -13.97
N ALA A 265 -14.74 10.21 -15.18
CA ALA A 265 -14.23 9.58 -16.39
C ALA A 265 -12.71 9.54 -16.41
N ALA A 266 -12.09 10.63 -15.96
CA ALA A 266 -10.64 10.75 -15.98
C ALA A 266 -10.00 9.69 -15.10
N LEU A 267 -10.65 9.36 -13.98
CA LEU A 267 -10.08 8.37 -13.06
C LEU A 267 -10.32 6.96 -13.57
N TYR A 268 -11.47 6.72 -14.19
CA TYR A 268 -11.69 5.41 -14.77
C TYR A 268 -10.73 5.19 -15.95
N GLN A 269 -10.51 6.21 -16.77
CA GLN A 269 -9.57 6.06 -17.87
C GLN A 269 -8.20 5.72 -17.31
N LEU A 270 -7.82 6.36 -16.20
CA LEU A 270 -6.53 6.06 -15.60
C LEU A 270 -6.41 4.58 -15.16
N MET A 271 -7.47 4.04 -14.59
CA MET A 271 -7.51 2.60 -14.29
C MET A 271 -7.23 1.76 -15.53
N LEU A 272 -7.97 2.05 -16.61
CA LEU A 272 -7.81 1.32 -17.87
C LEU A 272 -6.39 1.43 -18.40
N ASP A 273 -5.79 2.61 -18.27
CA ASP A 273 -4.41 2.82 -18.71
C ASP A 273 -3.46 1.96 -17.88
N CYS A 274 -3.72 1.88 -16.57
CA CYS A 274 -2.92 1.05 -15.67
C CYS A 274 -3.08 -0.44 -15.99
N TRP A 275 -4.22 -0.78 -16.57
CA TRP A 275 -4.55 -2.17 -16.86
C TRP A 275 -4.32 -2.56 -18.32
N GLN A 276 -3.49 -1.83 -19.04
CA GLN A 276 -3.17 -2.22 -20.42
C GLN A 276 -2.58 -3.62 -20.46
N LYS A 277 -3.00 -4.42 -21.44
CA LYS A 277 -2.46 -5.76 -21.57
C LYS A 277 -0.95 -5.71 -21.77
N ASP A 278 -0.51 -4.82 -22.65
CA ASP A 278 0.92 -4.64 -22.90
C ASP A 278 1.51 -3.75 -21.81
N ARG A 279 2.37 -4.33 -20.98
CA ARG A 279 2.94 -3.58 -19.85
C ARG A 279 3.69 -2.30 -20.28
N ASN A 280 4.31 -2.34 -21.46
CA ASN A 280 5.03 -1.15 -21.97
C ASN A 280 4.11 0.04 -22.26
N ASN A 281 2.81 -0.22 -22.41
CA ASN A 281 1.85 0.86 -22.63
C ASN A 281 1.25 1.46 -21.36
N ARG A 282 1.60 0.91 -20.21
CA ARG A 282 1.10 1.45 -18.95
C ARG A 282 1.92 2.70 -18.60
N PRO A 283 1.27 3.69 -17.97
CA PRO A 283 2.04 4.87 -17.54
C PRO A 283 3.07 4.52 -16.47
N LYS A 284 4.14 5.31 -16.34
CA LYS A 284 5.10 5.16 -15.25
C LYS A 284 4.51 5.86 -14.04
N PHE A 285 5.01 5.56 -12.85
CA PHE A 285 4.48 6.22 -11.66
C PHE A 285 4.64 7.74 -11.73
N GLU A 286 5.72 8.21 -12.33
CA GLU A 286 5.90 9.67 -12.45
C GLU A 286 4.77 10.32 -13.29
N GLN A 287 4.35 9.64 -14.34
CA GLN A 287 3.24 10.13 -15.16
C GLN A 287 1.93 10.08 -14.39
N ILE A 288 1.74 9.05 -13.57
CA ILE A 288 0.54 8.95 -12.75
C ILE A 288 0.47 10.10 -11.75
N VAL A 289 1.57 10.38 -11.08
CA VAL A 289 1.61 11.50 -10.14
C VAL A 289 1.25 12.79 -10.88
N SER A 290 1.82 12.98 -12.07
CA SER A 290 1.57 14.18 -12.84
CA SER A 290 1.57 14.18 -12.85
C SER A 290 0.11 14.31 -13.25
N ILE A 291 -0.52 13.25 -13.73
CA ILE A 291 -1.96 13.17 -13.97
C ILE A 291 -2.80 13.56 -12.79
N LEU A 292 -2.46 13.03 -11.63
CA LEU A 292 -3.23 13.32 -10.45
C LEU A 292 -3.02 14.75 -9.98
N ASP A 293 -1.81 15.27 -10.16
CA ASP A 293 -1.56 16.67 -9.80
C ASP A 293 -2.41 17.61 -10.64
N LYS A 294 -2.62 17.26 -11.90
CA LYS A 294 -3.49 18.06 -12.76
C LYS A 294 -4.96 17.99 -12.30
N LEU A 295 -5.39 16.82 -11.84
CA LEU A 295 -6.79 16.69 -11.41
C LEU A 295 -7.05 17.43 -10.11
N ILE A 296 -6.04 17.47 -9.24
CA ILE A 296 -6.12 18.24 -8.01
C ILE A 296 -6.22 19.74 -8.32
N ARG A 297 -5.50 20.18 -9.33
CA ARG A 297 -5.43 21.60 -9.70
C ARG A 297 -6.68 22.07 -10.44
N ASN A 298 -7.34 21.14 -11.12
CA ASN A 298 -8.51 21.44 -11.92
C ASN A 298 -9.66 20.54 -11.53
N PRO A 299 -10.25 20.79 -10.34
CA PRO A 299 -11.30 19.96 -9.75
C PRO A 299 -12.53 19.94 -10.64
N GLY A 300 -12.56 20.86 -11.59
CA GLY A 300 -13.65 20.92 -12.54
C GLY A 300 -13.65 19.73 -13.47
N SER A 301 -12.48 19.35 -13.96
CA SER A 301 -12.39 18.25 -14.94
C SER A 301 -13.04 16.97 -14.43
N LEU A 302 -13.14 16.85 -13.11
CA LEU A 302 -13.68 15.66 -12.48
C LEU A 302 -15.19 15.57 -12.63
N LYS A 303 -15.79 16.55 -13.31
CA LYS A 303 -17.24 16.61 -13.35
C LYS A 303 -17.82 15.69 -14.41
N ILE A 304 -17.04 15.37 -15.44
CA ILE A 304 -17.46 14.36 -16.41
C ILE A 304 -17.44 13.01 -15.72
N ILE A 305 -18.62 12.41 -15.56
CA ILE A 305 -18.78 11.15 -14.85
C ILE A 305 -19.03 10.00 -15.82
N THR A 306 -18.45 8.85 -15.52
CA THR A 306 -18.52 7.68 -16.41
C THR A 306 -19.57 6.68 -15.94
N SER A 313 -22.46 -8.12 -18.90
CA SER A 313 -21.55 -8.73 -17.93
C SER A 313 -21.10 -7.75 -16.84
N ASN A 314 -20.84 -8.30 -15.64
CA ASN A 314 -20.33 -7.53 -14.52
C ASN A 314 -19.02 -6.83 -14.88
N LEU A 315 -18.09 -7.61 -15.43
CA LEU A 315 -16.84 -7.05 -15.94
C LEU A 315 -17.08 -6.48 -17.33
N LEU A 316 -16.29 -5.49 -17.73
CA LEU A 316 -16.44 -4.90 -19.05
C LEU A 316 -15.33 -5.36 -19.99
N LEU A 317 -15.69 -5.66 -21.24
CA LEU A 317 -14.69 -6.08 -22.21
C LEU A 317 -14.06 -4.88 -22.91
#